data_2LJS
#
_entry.id   2LJS
#
_entity_poly.entity_id   1
_entity_poly.type   'polypeptide(L)'
_entity_poly.pdbx_seq_one_letter_code
;(PCA)RACPRILKKCRRDSDCPGECICKGNGYCG
;
_entity_poly.pdbx_strand_id   A
#
# COMPACT_ATOMS: atom_id res chain seq x y z
N ARG A 2 -6.89 6.01 -5.06
CA ARG A 2 -6.91 6.81 -3.85
C ARG A 2 -5.55 7.45 -3.59
N ALA A 3 -5.56 8.57 -2.89
CA ALA A 3 -4.33 9.27 -2.56
C ALA A 3 -3.47 8.41 -1.64
N CYS A 4 -2.19 8.34 -1.93
CA CYS A 4 -1.29 7.52 -1.12
C CYS A 4 0.17 7.95 -1.29
N PRO A 5 0.88 8.13 -0.18
CA PRO A 5 2.30 8.48 -0.21
C PRO A 5 3.11 7.27 -0.66
N ARG A 6 3.97 7.48 -1.63
CA ARG A 6 4.77 6.39 -2.16
C ARG A 6 5.85 5.97 -1.17
N ILE A 7 5.77 4.71 -0.75
CA ILE A 7 6.71 4.15 0.20
C ILE A 7 6.88 2.66 -0.09
N LEU A 8 8.04 2.13 0.24
CA LEU A 8 8.33 0.72 0.00
C LEU A 8 8.01 -0.13 1.21
N LYS A 9 6.72 -0.38 1.44
CA LYS A 9 6.30 -1.21 2.55
C LYS A 9 5.48 -2.37 2.03
N LYS A 10 5.91 -3.59 2.35
CA LYS A 10 5.20 -4.78 1.89
C LYS A 10 3.83 -4.85 2.53
N CYS A 11 2.82 -4.97 1.70
CA CYS A 11 1.45 -5.03 2.17
C CYS A 11 0.91 -6.45 2.20
N ARG A 12 0.16 -6.74 3.24
CA ARG A 12 -0.46 -8.05 3.42
C ARG A 12 -1.94 -7.91 3.10
N ARG A 13 -2.31 -6.69 2.71
CA ARG A 13 -3.68 -6.30 2.35
C ARG A 13 -3.76 -4.79 2.32
N ASP A 14 -4.81 -4.26 1.71
CA ASP A 14 -4.99 -2.80 1.61
C ASP A 14 -5.04 -2.18 3.00
N SER A 15 -5.70 -2.87 3.92
CA SER A 15 -5.82 -2.41 5.31
C SER A 15 -4.45 -2.35 6.00
N ASP A 16 -3.48 -3.06 5.44
CA ASP A 16 -2.12 -3.08 5.98
C ASP A 16 -1.37 -1.82 5.54
N CYS A 17 -1.91 -1.18 4.51
CA CYS A 17 -1.33 0.04 3.96
C CYS A 17 -1.87 1.27 4.68
N PRO A 18 -1.01 2.29 4.87
CA PRO A 18 -1.39 3.53 5.56
C PRO A 18 -2.32 4.41 4.72
N GLY A 19 -3.23 5.10 5.40
CA GLY A 19 -4.16 5.98 4.73
C GLY A 19 -5.01 5.24 3.70
N GLU A 20 -5.07 5.78 2.49
CA GLU A 20 -5.84 5.15 1.43
C GLU A 20 -4.91 4.39 0.47
N CYS A 21 -3.77 3.96 0.98
CA CYS A 21 -2.81 3.20 0.18
C CYS A 21 -3.39 1.82 -0.14
N ILE A 22 -3.11 1.33 -1.33
CA ILE A 22 -3.60 0.02 -1.74
C ILE A 22 -2.45 -0.94 -1.93
N CYS A 23 -2.73 -2.23 -1.81
CA CYS A 23 -1.71 -3.25 -1.97
C CYS A 23 -1.40 -3.48 -3.45
N LYS A 24 -0.26 -2.98 -3.90
CA LYS A 24 0.15 -3.13 -5.28
C LYS A 24 0.46 -4.58 -5.61
N GLY A 25 0.37 -4.93 -6.89
CA GLY A 25 0.63 -6.28 -7.35
C GLY A 25 1.99 -6.83 -6.90
N ASN A 26 2.98 -5.95 -6.78
CA ASN A 26 4.32 -6.38 -6.37
C ASN A 26 4.36 -6.67 -4.87
N GLY A 27 3.25 -6.38 -4.19
CA GLY A 27 3.16 -6.64 -2.76
C GLY A 27 3.68 -5.50 -1.91
N TYR A 28 3.56 -4.29 -2.43
CA TYR A 28 3.99 -3.09 -1.71
C TYR A 28 2.86 -2.09 -1.71
N CYS A 29 2.88 -1.21 -0.74
CA CYS A 29 1.86 -0.19 -0.62
C CYS A 29 2.03 0.89 -1.67
N GLY A 30 0.96 1.16 -2.41
CA GLY A 30 1.01 2.17 -3.43
C GLY A 30 -0.36 2.68 -3.78
N ARG A 2 -7.81 7.03 -4.61
CA ARG A 2 -7.21 6.83 -3.30
C ARG A 2 -5.89 7.58 -3.18
N ALA A 3 -5.77 8.37 -2.14
CA ALA A 3 -4.55 9.14 -1.89
C ALA A 3 -3.49 8.29 -1.21
N CYS A 4 -2.28 8.36 -1.73
CA CYS A 4 -1.17 7.61 -1.16
C CYS A 4 0.15 8.27 -1.54
N PRO A 5 1.06 8.41 -0.57
CA PRO A 5 2.37 9.04 -0.78
C PRO A 5 3.31 8.13 -1.58
N ARG A 6 4.58 8.22 -1.28
CA ARG A 6 5.57 7.40 -1.98
C ARG A 6 6.43 6.67 -0.96
N ILE A 7 6.11 5.41 -0.75
CA ILE A 7 6.84 4.58 0.20
C ILE A 7 6.79 3.12 -0.24
N LEU A 8 7.76 2.33 0.17
CA LEU A 8 7.79 0.93 -0.18
C LEU A 8 7.71 0.06 1.05
N LYS A 9 6.57 -0.58 1.24
CA LYS A 9 6.34 -1.45 2.37
C LYS A 9 5.49 -2.64 1.95
N LYS A 10 5.98 -3.84 2.23
CA LYS A 10 5.26 -5.06 1.86
C LYS A 10 3.95 -5.16 2.64
N CYS A 11 2.87 -5.34 1.92
CA CYS A 11 1.55 -5.41 2.53
C CYS A 11 0.93 -6.79 2.41
N ARG A 12 0.19 -7.17 3.44
CA ARG A 12 -0.50 -8.46 3.46
C ARG A 12 -1.96 -8.25 3.09
N ARG A 13 -2.32 -6.99 2.85
CA ARG A 13 -3.66 -6.58 2.49
C ARG A 13 -3.72 -5.07 2.33
N ASP A 14 -4.77 -4.58 1.70
CA ASP A 14 -4.94 -3.14 1.49
C ASP A 14 -5.02 -2.41 2.84
N SER A 15 -5.73 -3.01 3.79
CA SER A 15 -5.89 -2.44 5.12
C SER A 15 -4.54 -2.41 5.85
N ASP A 16 -3.56 -3.12 5.30
CA ASP A 16 -2.22 -3.18 5.88
C ASP A 16 -1.38 -2.00 5.37
N CYS A 17 -2.03 -1.14 4.60
CA CYS A 17 -1.38 0.04 4.03
C CYS A 17 -1.93 1.32 4.66
N PRO A 18 -1.03 2.28 4.95
CA PRO A 18 -1.42 3.55 5.57
C PRO A 18 -2.29 4.43 4.69
N GLY A 19 -3.21 5.16 5.31
CA GLY A 19 -4.10 6.04 4.59
C GLY A 19 -4.94 5.29 3.58
N GLU A 20 -4.97 5.79 2.35
CA GLU A 20 -5.74 5.14 1.30
C GLU A 20 -4.81 4.33 0.40
N CYS A 21 -3.62 4.00 0.89
CA CYS A 21 -2.68 3.21 0.11
C CYS A 21 -3.24 1.82 -0.10
N ILE A 22 -3.03 1.28 -1.28
CA ILE A 22 -3.53 -0.04 -1.61
C ILE A 22 -2.38 -1.01 -1.83
N CYS A 23 -2.65 -2.29 -1.64
CA CYS A 23 -1.64 -3.31 -1.83
C CYS A 23 -1.48 -3.57 -3.32
N LYS A 24 -0.44 -2.99 -3.91
CA LYS A 24 -0.19 -3.14 -5.34
C LYS A 24 0.28 -4.55 -5.69
N GLY A 25 0.31 -4.83 -6.99
CA GLY A 25 0.69 -6.15 -7.51
C GLY A 25 1.96 -6.73 -6.92
N ASN A 26 2.98 -5.90 -6.74
CA ASN A 26 4.26 -6.37 -6.21
C ASN A 26 4.24 -6.50 -4.67
N GLY A 27 3.03 -6.55 -4.11
CA GLY A 27 2.89 -6.70 -2.67
C GLY A 27 3.44 -5.54 -1.87
N TYR A 28 3.31 -4.33 -2.41
CA TYR A 28 3.77 -3.13 -1.71
C TYR A 28 2.65 -2.13 -1.57
N CYS A 29 2.79 -1.26 -0.61
CA CYS A 29 1.79 -0.24 -0.34
C CYS A 29 1.94 0.94 -1.28
N GLY A 30 0.92 1.17 -2.09
CA GLY A 30 0.93 2.27 -3.01
C GLY A 30 -0.38 2.37 -3.75
N ARG A 2 -7.29 5.19 -5.24
CA ARG A 2 -7.00 5.91 -4.01
C ARG A 2 -5.58 6.47 -4.04
N ALA A 3 -5.42 7.69 -3.56
CA ALA A 3 -4.12 8.35 -3.54
C ALA A 3 -3.24 7.79 -2.42
N CYS A 4 -1.97 7.59 -2.71
CA CYS A 4 -1.05 7.05 -1.73
C CYS A 4 0.34 7.66 -1.89
N PRO A 5 0.97 8.07 -0.77
CA PRO A 5 2.31 8.65 -0.78
C PRO A 5 3.36 7.59 -1.09
N ARG A 6 4.43 7.98 -1.76
CA ARG A 6 5.48 7.04 -2.12
C ARG A 6 6.08 6.39 -0.87
N ILE A 7 5.87 5.09 -0.75
CA ILE A 7 6.38 4.34 0.38
C ILE A 7 6.75 2.93 -0.08
N LEU A 8 7.58 2.25 0.68
CA LEU A 8 8.01 0.90 0.32
C LEU A 8 7.81 -0.06 1.48
N LYS A 9 6.58 -0.54 1.61
CA LYS A 9 6.23 -1.47 2.67
C LYS A 9 5.48 -2.65 2.05
N LYS A 10 5.95 -3.87 2.30
CA LYS A 10 5.28 -5.05 1.76
C LYS A 10 3.93 -5.21 2.41
N CYS A 11 2.90 -5.13 1.60
CA CYS A 11 1.53 -5.19 2.07
C CYS A 11 0.95 -6.59 2.10
N ARG A 12 0.14 -6.84 3.12
CA ARG A 12 -0.54 -8.11 3.28
C ARG A 12 -2.01 -7.92 2.92
N ARG A 13 -2.37 -6.65 2.76
CA ARG A 13 -3.74 -6.22 2.42
C ARG A 13 -3.79 -4.70 2.43
N ASP A 14 -4.83 -4.12 1.85
CA ASP A 14 -4.96 -2.66 1.81
C ASP A 14 -5.02 -2.09 3.22
N SER A 15 -5.66 -2.82 4.12
CA SER A 15 -5.78 -2.41 5.52
C SER A 15 -4.41 -2.34 6.19
N ASP A 16 -3.46 -3.09 5.61
CA ASP A 16 -2.09 -3.12 6.12
C ASP A 16 -1.34 -1.88 5.63
N CYS A 17 -1.89 -1.27 4.60
CA CYS A 17 -1.32 -0.07 4.01
C CYS A 17 -1.88 1.18 4.68
N PRO A 18 -1.04 2.19 4.91
CA PRO A 18 -1.45 3.43 5.55
C PRO A 18 -2.37 4.30 4.69
N GLY A 19 -3.33 4.94 5.35
CA GLY A 19 -4.27 5.81 4.65
C GLY A 19 -4.98 5.14 3.50
N GLU A 20 -5.00 5.82 2.36
CA GLU A 20 -5.65 5.31 1.17
C GLU A 20 -4.71 4.47 0.31
N CYS A 21 -3.64 3.97 0.90
CA CYS A 21 -2.70 3.14 0.15
C CYS A 21 -3.30 1.76 -0.12
N ILE A 22 -3.07 1.26 -1.31
CA ILE A 22 -3.59 -0.06 -1.70
C ILE A 22 -2.44 -1.04 -1.87
N CYS A 23 -2.75 -2.31 -1.74
CA CYS A 23 -1.75 -3.35 -1.89
C CYS A 23 -1.52 -3.64 -3.37
N LYS A 24 -0.45 -3.07 -3.92
CA LYS A 24 -0.13 -3.26 -5.33
C LYS A 24 0.36 -4.68 -5.60
N GLY A 25 0.15 -5.15 -6.84
CA GLY A 25 0.57 -6.49 -7.23
C GLY A 25 2.01 -6.83 -6.86
N ASN A 26 2.86 -5.82 -6.89
CA ASN A 26 4.28 -5.98 -6.55
C ASN A 26 4.41 -6.42 -5.08
N GLY A 27 3.36 -6.17 -4.31
CA GLY A 27 3.35 -6.56 -2.92
C GLY A 27 3.81 -5.44 -2.02
N TYR A 28 3.64 -4.22 -2.49
CA TYR A 28 4.02 -3.04 -1.73
C TYR A 28 2.85 -2.08 -1.71
N CYS A 29 2.84 -1.25 -0.70
CA CYS A 29 1.79 -0.26 -0.53
C CYS A 29 1.96 0.87 -1.55
N GLY A 30 0.89 1.11 -2.30
CA GLY A 30 0.91 2.15 -3.29
C GLY A 30 -0.44 2.33 -3.92
N ARG A 2 -5.85 5.67 -5.70
CA ARG A 2 -6.12 6.49 -4.54
C ARG A 2 -4.85 7.19 -4.08
N ALA A 3 -5.01 8.29 -3.34
CA ALA A 3 -3.86 9.04 -2.86
C ALA A 3 -3.03 8.20 -1.92
N CYS A 4 -1.73 8.21 -2.13
CA CYS A 4 -0.81 7.44 -1.32
C CYS A 4 0.64 7.89 -1.52
N PRO A 5 1.36 8.10 -0.41
CA PRO A 5 2.76 8.50 -0.46
C PRO A 5 3.61 7.40 -1.06
N ARG A 6 4.60 7.76 -1.86
CA ARG A 6 5.45 6.77 -2.52
C ARG A 6 6.43 6.14 -1.54
N ILE A 7 5.90 5.45 -0.55
CA ILE A 7 6.69 4.76 0.45
C ILE A 7 6.77 3.29 0.09
N LEU A 8 7.81 2.62 0.52
CA LEU A 8 7.96 1.21 0.19
C LEU A 8 7.77 0.34 1.43
N LYS A 9 6.64 -0.35 1.48
CA LYS A 9 6.32 -1.24 2.58
C LYS A 9 5.51 -2.41 2.06
N LYS A 10 5.97 -3.64 2.34
CA LYS A 10 5.24 -4.82 1.88
C LYS A 10 3.91 -4.94 2.61
N CYS A 11 2.86 -5.16 1.85
CA CYS A 11 1.53 -5.27 2.41
C CYS A 11 0.99 -6.68 2.36
N ARG A 12 0.33 -7.09 3.42
CA ARG A 12 -0.28 -8.41 3.50
C ARG A 12 -1.76 -8.30 3.15
N ARG A 13 -2.18 -7.06 2.88
CA ARG A 13 -3.57 -6.74 2.52
C ARG A 13 -3.71 -5.24 2.31
N ASP A 14 -4.79 -4.82 1.67
CA ASP A 14 -5.04 -3.41 1.41
C ASP A 14 -5.08 -2.62 2.71
N SER A 15 -5.81 -3.17 3.68
CA SER A 15 -5.96 -2.54 5.00
C SER A 15 -4.63 -2.47 5.74
N ASP A 16 -3.63 -3.20 5.23
CA ASP A 16 -2.30 -3.22 5.84
C ASP A 16 -1.48 -2.01 5.38
N CYS A 17 -2.09 -1.19 4.53
CA CYS A 17 -1.45 0.00 4.01
C CYS A 17 -1.98 1.26 4.68
N PRO A 18 -1.10 2.24 4.94
CA PRO A 18 -1.47 3.50 5.61
C PRO A 18 -2.29 4.43 4.71
N GLY A 19 -3.20 5.18 5.33
CA GLY A 19 -4.03 6.11 4.59
C GLY A 19 -4.86 5.43 3.53
N GLU A 20 -4.84 5.99 2.32
CA GLU A 20 -5.59 5.40 1.22
C GLU A 20 -4.68 4.54 0.36
N CYS A 21 -3.55 4.12 0.91
CA CYS A 21 -2.62 3.26 0.18
C CYS A 21 -3.25 1.90 -0.02
N ILE A 22 -3.08 1.32 -1.19
CA ILE A 22 -3.64 0.01 -1.47
C ILE A 22 -2.52 -0.97 -1.79
N CYS A 23 -2.79 -2.24 -1.55
CA CYS A 23 -1.79 -3.27 -1.80
C CYS A 23 -1.70 -3.55 -3.28
N LYS A 24 -0.64 -3.05 -3.88
CA LYS A 24 -0.42 -3.23 -5.29
C LYS A 24 0.13 -4.62 -5.58
N GLY A 25 -0.07 -5.11 -6.81
CA GLY A 25 0.37 -6.45 -7.21
C GLY A 25 1.81 -6.76 -6.83
N ASN A 26 2.65 -5.73 -6.82
CA ASN A 26 4.07 -5.85 -6.46
C ASN A 26 4.22 -6.32 -5.00
N GLY A 27 3.14 -6.20 -4.23
CA GLY A 27 3.16 -6.61 -2.85
C GLY A 27 3.63 -5.50 -1.93
N TYR A 28 3.52 -4.28 -2.43
CA TYR A 28 3.91 -3.10 -1.69
C TYR A 28 2.76 -2.11 -1.64
N CYS A 29 2.81 -1.25 -0.67
CA CYS A 29 1.80 -0.23 -0.47
C CYS A 29 1.99 0.91 -1.46
N GLY A 30 0.98 1.15 -2.27
CA GLY A 30 1.06 2.21 -3.24
C GLY A 30 -0.21 2.34 -4.04
N ARG A 2 -7.48 6.55 -4.83
CA ARG A 2 -7.10 6.69 -3.43
C ARG A 2 -5.77 7.42 -3.29
N ALA A 3 -5.68 8.29 -2.31
CA ALA A 3 -4.45 9.03 -2.07
C ALA A 3 -3.44 8.17 -1.31
N CYS A 4 -2.20 8.18 -1.75
CA CYS A 4 -1.16 7.39 -1.12
C CYS A 4 0.21 8.00 -1.33
N PRO A 5 0.96 8.19 -0.25
CA PRO A 5 2.32 8.75 -0.31
C PRO A 5 3.32 7.70 -0.78
N ARG A 6 4.34 8.14 -1.51
CA ARG A 6 5.35 7.21 -2.01
C ARG A 6 6.06 6.51 -0.86
N ILE A 7 5.85 5.21 -0.78
CA ILE A 7 6.45 4.39 0.27
C ILE A 7 6.73 2.99 -0.27
N LEU A 8 7.62 2.27 0.39
CA LEU A 8 7.99 0.93 -0.03
C LEU A 8 7.84 -0.02 1.15
N LYS A 9 6.62 -0.47 1.39
CA LYS A 9 6.32 -1.38 2.48
C LYS A 9 5.50 -2.55 1.96
N LYS A 10 5.94 -3.77 2.25
CA LYS A 10 5.23 -4.96 1.81
C LYS A 10 3.86 -5.01 2.47
N CYS A 11 2.84 -5.11 1.64
CA CYS A 11 1.47 -5.12 2.11
C CYS A 11 0.90 -6.53 2.23
N ARG A 12 0.07 -6.70 3.24
CA ARG A 12 -0.60 -7.96 3.49
C ARG A 12 -2.08 -7.83 3.08
N ARG A 13 -2.48 -6.57 2.89
CA ARG A 13 -3.83 -6.19 2.50
C ARG A 13 -3.91 -4.67 2.49
N ASP A 14 -4.95 -4.12 1.87
CA ASP A 14 -5.09 -2.65 1.81
C ASP A 14 -5.14 -2.06 3.21
N SER A 15 -5.82 -2.76 4.12
CA SER A 15 -5.94 -2.31 5.51
C SER A 15 -4.58 -2.28 6.20
N ASP A 16 -3.63 -3.02 5.63
CA ASP A 16 -2.27 -3.09 6.16
C ASP A 16 -1.46 -1.90 5.64
N CYS A 17 -1.98 -1.26 4.61
CA CYS A 17 -1.35 -0.10 4.00
C CYS A 17 -1.85 1.19 4.66
N PRO A 18 -0.94 2.16 4.87
CA PRO A 18 -1.28 3.43 5.51
C PRO A 18 -2.18 4.30 4.65
N GLY A 19 -3.09 5.02 5.29
CA GLY A 19 -4.01 5.89 4.58
C GLY A 19 -4.85 5.14 3.58
N GLU A 20 -4.90 5.63 2.36
CA GLU A 20 -5.68 4.98 1.31
C GLU A 20 -4.77 4.15 0.41
N CYS A 21 -3.55 3.87 0.87
CA CYS A 21 -2.62 3.08 0.08
C CYS A 21 -3.20 1.70 -0.20
N ILE A 22 -2.99 1.20 -1.40
CA ILE A 22 -3.50 -0.10 -1.78
C ILE A 22 -2.38 -1.11 -1.95
N CYS A 23 -2.71 -2.37 -1.76
CA CYS A 23 -1.75 -3.44 -1.90
C CYS A 23 -1.58 -3.75 -3.38
N LYS A 24 -0.56 -3.17 -4.00
CA LYS A 24 -0.34 -3.37 -5.42
C LYS A 24 0.32 -4.73 -5.72
N GLY A 25 0.33 -5.07 -7.02
CA GLY A 25 0.85 -6.34 -7.51
C GLY A 25 2.23 -6.73 -7.02
N ASN A 26 3.13 -5.77 -6.85
CA ASN A 26 4.49 -6.09 -6.41
C ASN A 26 4.55 -6.38 -4.91
N GLY A 27 3.38 -6.47 -4.28
CA GLY A 27 3.31 -6.76 -2.86
C GLY A 27 3.74 -5.59 -2.00
N TYR A 28 3.60 -4.39 -2.52
CA TYR A 28 3.96 -3.19 -1.78
C TYR A 28 2.78 -2.24 -1.72
N CYS A 29 2.81 -1.36 -0.74
CA CYS A 29 1.76 -0.39 -0.56
C CYS A 29 1.93 0.79 -1.51
N GLY A 30 0.92 1.04 -2.32
CA GLY A 30 0.98 2.14 -3.25
C GLY A 30 -0.36 2.42 -3.86
N ARG A 2 -8.22 6.94 -4.37
CA ARG A 2 -7.39 6.78 -3.19
C ARG A 2 -6.06 7.49 -3.34
N ALA A 3 -5.68 8.21 -2.30
CA ALA A 3 -4.43 8.95 -2.29
C ALA A 3 -3.35 8.19 -1.53
N CYS A 4 -2.16 8.15 -2.10
CA CYS A 4 -1.04 7.47 -1.48
C CYS A 4 0.27 8.08 -1.95
N PRO A 5 1.17 8.40 -1.01
CA PRO A 5 2.47 8.99 -1.32
C PRO A 5 3.49 7.94 -1.74
N ARG A 6 4.76 8.25 -1.57
CA ARG A 6 5.82 7.31 -1.90
C ARG A 6 6.23 6.52 -0.67
N ILE A 7 6.03 5.21 -0.72
CA ILE A 7 6.37 4.35 0.40
C ILE A 7 6.75 2.97 -0.10
N LEU A 8 7.50 2.23 0.69
CA LEU A 8 7.94 0.89 0.33
C LEU A 8 7.69 -0.08 1.47
N LYS A 9 6.43 -0.38 1.70
CA LYS A 9 6.02 -1.28 2.76
C LYS A 9 5.31 -2.49 2.17
N LYS A 10 5.80 -3.69 2.48
CA LYS A 10 5.18 -4.92 1.98
C LYS A 10 3.81 -5.08 2.59
N CYS A 11 2.81 -5.11 1.73
CA CYS A 11 1.43 -5.23 2.18
C CYS A 11 0.93 -6.67 2.19
N ARG A 12 0.13 -6.98 3.20
CA ARG A 12 -0.47 -8.29 3.33
C ARG A 12 -1.97 -8.17 3.15
N ARG A 13 -2.37 -6.94 2.81
CA ARG A 13 -3.77 -6.55 2.57
C ARG A 13 -3.84 -5.03 2.53
N ASP A 14 -4.88 -4.50 1.90
CA ASP A 14 -5.06 -3.06 1.78
C ASP A 14 -5.12 -2.39 3.14
N SER A 15 -5.77 -3.07 4.10
CA SER A 15 -5.89 -2.55 5.46
C SER A 15 -4.53 -2.42 6.13
N ASP A 16 -3.55 -3.15 5.60
CA ASP A 16 -2.19 -3.13 6.13
C ASP A 16 -1.42 -1.93 5.58
N CYS A 17 -2.01 -1.29 4.57
CA CYS A 17 -1.41 -0.12 3.95
C CYS A 17 -1.88 1.16 4.64
N PRO A 18 -0.97 2.13 4.84
CA PRO A 18 -1.29 3.40 5.49
C PRO A 18 -2.16 4.33 4.65
N GLY A 19 -3.02 5.08 5.32
CA GLY A 19 -3.90 6.00 4.62
C GLY A 19 -4.79 5.30 3.63
N GLU A 20 -4.81 5.79 2.39
CA GLU A 20 -5.62 5.19 1.35
C GLU A 20 -4.77 4.34 0.42
N CYS A 21 -3.57 3.98 0.86
CA CYS A 21 -2.67 3.17 0.05
C CYS A 21 -3.29 1.78 -0.16
N ILE A 22 -3.09 1.24 -1.35
CA ILE A 22 -3.64 -0.07 -1.67
C ILE A 22 -2.51 -1.06 -1.89
N CYS A 23 -2.81 -2.33 -1.71
CA CYS A 23 -1.82 -3.38 -1.89
C CYS A 23 -1.60 -3.63 -3.38
N LYS A 24 -0.53 -3.07 -3.92
CA LYS A 24 -0.25 -3.23 -5.34
C LYS A 24 0.29 -4.63 -5.61
N GLY A 25 0.06 -5.14 -6.82
CA GLY A 25 0.51 -6.48 -7.21
C GLY A 25 1.98 -6.72 -6.93
N ASN A 26 2.75 -5.63 -6.90
CA ASN A 26 4.17 -5.67 -6.61
C ASN A 26 4.43 -6.22 -5.21
N GLY A 27 3.43 -6.12 -4.34
CA GLY A 27 3.57 -6.62 -2.98
C GLY A 27 3.84 -5.50 -2.01
N TYR A 28 3.82 -4.28 -2.53
CA TYR A 28 4.06 -3.10 -1.70
C TYR A 28 2.85 -2.18 -1.76
N CYS A 29 2.79 -1.33 -0.75
CA CYS A 29 1.71 -0.35 -0.65
C CYS A 29 1.90 0.77 -1.65
N GLY A 30 0.85 1.09 -2.37
CA GLY A 30 0.92 2.14 -3.36
C GLY A 30 -0.46 2.51 -3.87
N ARG A 2 -6.90 5.73 -5.27
CA ARG A 2 -6.79 6.29 -3.92
C ARG A 2 -5.46 7.03 -3.78
N ALA A 3 -5.50 8.21 -3.18
CA ALA A 3 -4.29 9.00 -2.99
C ALA A 3 -3.40 8.32 -1.95
N CYS A 4 -2.12 8.22 -2.25
CA CYS A 4 -1.18 7.57 -1.34
C CYS A 4 0.26 7.98 -1.63
N PRO A 5 1.03 8.25 -0.57
CA PRO A 5 2.43 8.61 -0.68
C PRO A 5 3.26 7.40 -1.07
N ARG A 6 4.21 7.59 -1.97
CA ARG A 6 5.05 6.49 -2.41
C ARG A 6 6.00 6.04 -1.31
N ILE A 7 5.85 4.79 -0.91
CA ILE A 7 6.66 4.21 0.14
C ILE A 7 6.87 2.73 -0.14
N LEU A 8 7.97 2.18 0.36
CA LEU A 8 8.29 0.78 0.14
C LEU A 8 7.85 -0.08 1.32
N LYS A 9 6.55 -0.19 1.52
CA LYS A 9 6.02 -1.00 2.59
C LYS A 9 5.40 -2.28 2.04
N LYS A 10 5.88 -3.43 2.50
CA LYS A 10 5.30 -4.69 2.07
C LYS A 10 3.89 -4.78 2.62
N CYS A 11 2.93 -5.20 1.81
CA CYS A 11 1.57 -5.24 2.27
C CYS A 11 0.97 -6.64 2.25
N ARG A 12 0.18 -6.93 3.27
CA ARG A 12 -0.50 -8.21 3.40
C ARG A 12 -1.94 -8.04 2.95
N ARG A 13 -2.34 -6.77 2.79
CA ARG A 13 -3.69 -6.39 2.37
C ARG A 13 -3.80 -4.87 2.38
N ASP A 14 -4.83 -4.34 1.74
CA ASP A 14 -5.03 -2.89 1.67
C ASP A 14 -5.15 -2.29 3.07
N SER A 15 -5.79 -3.03 3.97
CA SER A 15 -5.96 -2.59 5.35
C SER A 15 -4.60 -2.46 6.05
N ASP A 16 -3.62 -3.20 5.53
CA ASP A 16 -2.27 -3.19 6.06
C ASP A 16 -1.52 -1.95 5.57
N CYS A 17 -2.05 -1.34 4.52
CA CYS A 17 -1.46 -0.14 3.96
C CYS A 17 -1.99 1.11 4.64
N PRO A 18 -1.09 2.05 4.95
CA PRO A 18 -1.46 3.30 5.63
C PRO A 18 -2.31 4.23 4.77
N GLY A 19 -3.24 4.91 5.42
CA GLY A 19 -4.12 5.83 4.73
C GLY A 19 -4.88 5.19 3.58
N GLU A 20 -4.85 5.86 2.44
CA GLU A 20 -5.54 5.36 1.25
C GLU A 20 -4.61 4.56 0.36
N CYS A 21 -3.52 4.04 0.93
CA CYS A 21 -2.59 3.23 0.14
C CYS A 21 -3.19 1.86 -0.14
N ILE A 22 -2.96 1.37 -1.34
CA ILE A 22 -3.48 0.06 -1.73
C ILE A 22 -2.35 -0.94 -1.90
N CYS A 23 -2.68 -2.20 -1.70
CA CYS A 23 -1.70 -3.27 -1.85
C CYS A 23 -1.55 -3.60 -3.33
N LYS A 24 -0.56 -3.01 -3.97
CA LYS A 24 -0.35 -3.24 -5.39
C LYS A 24 0.26 -4.62 -5.64
N GLY A 25 0.06 -5.15 -6.84
CA GLY A 25 0.57 -6.48 -7.22
C GLY A 25 2.03 -6.71 -6.85
N ASN A 26 2.80 -5.63 -6.81
CA ASN A 26 4.23 -5.69 -6.46
C ASN A 26 4.41 -6.18 -5.01
N GLY A 27 3.33 -6.14 -4.25
CA GLY A 27 3.37 -6.59 -2.86
C GLY A 27 3.75 -5.47 -1.93
N TYR A 28 3.63 -4.25 -2.42
CA TYR A 28 3.95 -3.06 -1.63
C TYR A 28 2.78 -2.09 -1.64
N CYS A 29 2.79 -1.25 -0.65
CA CYS A 29 1.77 -0.24 -0.46
C CYS A 29 1.99 0.95 -1.40
N GLY A 30 1.03 1.22 -2.25
CA GLY A 30 1.15 2.32 -3.17
C GLY A 30 -0.14 2.63 -3.89
N ARG A 2 -7.05 5.45 -4.59
CA ARG A 2 -7.14 6.54 -3.63
C ARG A 2 -5.78 7.21 -3.45
N ALA A 3 -5.71 8.18 -2.55
CA ALA A 3 -4.47 8.89 -2.30
C ALA A 3 -3.47 8.00 -1.55
N CYS A 4 -2.23 8.04 -1.97
CA CYS A 4 -1.20 7.22 -1.33
C CYS A 4 0.16 7.90 -1.38
N PRO A 5 0.78 8.09 -0.20
CA PRO A 5 2.10 8.70 -0.09
C PRO A 5 3.19 7.75 -0.61
N ARG A 6 4.21 8.31 -1.24
CA ARG A 6 5.28 7.49 -1.77
C ARG A 6 6.06 6.81 -0.65
N ILE A 7 5.80 5.54 -0.44
CA ILE A 7 6.46 4.76 0.60
C ILE A 7 6.55 3.31 0.18
N LEU A 8 7.52 2.59 0.71
CA LEU A 8 7.69 1.20 0.39
C LEU A 8 7.42 0.34 1.62
N LYS A 9 6.33 -0.41 1.57
CA LYS A 9 5.94 -1.28 2.66
C LYS A 9 5.28 -2.53 2.09
N LYS A 10 5.78 -3.70 2.48
CA LYS A 10 5.21 -4.96 1.98
C LYS A 10 3.82 -5.14 2.55
N CYS A 11 2.84 -5.07 1.68
CA CYS A 11 1.45 -5.18 2.09
C CYS A 11 0.96 -6.63 2.15
N ARG A 12 -0.01 -6.85 3.03
CA ARG A 12 -0.63 -8.16 3.20
C ARG A 12 -2.14 -7.98 3.09
N ARG A 13 -2.52 -6.75 2.74
CA ARG A 13 -3.89 -6.30 2.55
C ARG A 13 -3.91 -4.78 2.53
N ASP A 14 -4.93 -4.21 1.93
CA ASP A 14 -5.05 -2.75 1.83
C ASP A 14 -5.07 -2.10 3.21
N SER A 15 -5.68 -2.78 4.18
CA SER A 15 -5.76 -2.29 5.54
C SER A 15 -4.37 -2.19 6.18
N ASP A 16 -3.44 -2.97 5.64
CA ASP A 16 -2.06 -2.99 6.13
C ASP A 16 -1.27 -1.83 5.52
N CYS A 17 -1.86 -1.21 4.52
CA CYS A 17 -1.25 -0.08 3.84
C CYS A 17 -1.64 1.23 4.50
N PRO A 18 -0.67 2.15 4.66
CA PRO A 18 -0.89 3.45 5.29
C PRO A 18 -1.80 4.36 4.46
N GLY A 19 -2.61 5.16 5.16
CA GLY A 19 -3.52 6.07 4.48
C GLY A 19 -4.49 5.32 3.59
N GLU A 20 -4.55 5.72 2.33
CA GLU A 20 -5.44 5.06 1.38
C GLU A 20 -4.65 4.24 0.39
N CYS A 21 -3.43 3.86 0.75
CA CYS A 21 -2.59 3.05 -0.13
C CYS A 21 -3.22 1.68 -0.36
N ILE A 22 -3.01 1.13 -1.55
CA ILE A 22 -3.56 -0.17 -1.88
C ILE A 22 -2.45 -1.19 -2.04
N CYS A 23 -2.79 -2.44 -1.81
CA CYS A 23 -1.84 -3.53 -1.94
C CYS A 23 -1.68 -3.88 -3.41
N LYS A 24 -0.66 -3.30 -4.05
CA LYS A 24 -0.46 -3.54 -5.46
C LYS A 24 0.25 -4.88 -5.71
N GLY A 25 0.07 -5.41 -6.93
CA GLY A 25 0.65 -6.70 -7.32
C GLY A 25 2.11 -6.86 -6.96
N ASN A 26 2.82 -5.73 -6.89
CA ASN A 26 4.24 -5.72 -6.53
C ASN A 26 4.46 -6.25 -5.10
N GLY A 27 3.36 -6.35 -4.35
CA GLY A 27 3.43 -6.84 -2.99
C GLY A 27 3.73 -5.74 -2.01
N TYR A 28 3.70 -4.51 -2.52
CA TYR A 28 3.95 -3.34 -1.71
C TYR A 28 2.77 -2.41 -1.74
N CYS A 29 2.79 -1.45 -0.86
CA CYS A 29 1.74 -0.46 -0.75
C CYS A 29 1.93 0.65 -1.77
N GLY A 30 0.89 0.91 -2.54
CA GLY A 30 0.97 1.95 -3.53
C GLY A 30 -0.36 2.13 -4.24
N ARG A 2 -6.49 5.73 -5.32
CA ARG A 2 -6.56 6.41 -4.03
C ARG A 2 -5.24 7.12 -3.73
N ALA A 3 -5.31 8.16 -2.91
CA ALA A 3 -4.11 8.90 -2.54
C ALA A 3 -3.20 8.05 -1.67
N CYS A 4 -1.91 8.08 -1.98
CA CYS A 4 -0.94 7.30 -1.23
C CYS A 4 0.48 7.83 -1.46
N PRO A 5 1.22 8.04 -0.37
CA PRO A 5 2.61 8.52 -0.43
C PRO A 5 3.51 7.48 -1.10
N ARG A 6 4.59 7.94 -1.71
CA ARG A 6 5.50 7.02 -2.40
C ARG A 6 6.40 6.28 -1.40
N ILE A 7 5.76 5.53 -0.53
CA ILE A 7 6.44 4.74 0.48
C ILE A 7 6.58 3.30 -0.02
N LEU A 8 7.54 2.58 0.52
CA LEU A 8 7.75 1.20 0.12
C LEU A 8 7.68 0.28 1.33
N LYS A 9 6.57 -0.45 1.42
CA LYS A 9 6.35 -1.37 2.51
C LYS A 9 5.52 -2.54 2.01
N LYS A 10 5.99 -3.76 2.31
CA LYS A 10 5.29 -4.97 1.88
C LYS A 10 3.90 -4.99 2.49
N CYS A 11 2.89 -5.18 1.65
CA CYS A 11 1.52 -5.17 2.10
C CYS A 11 0.91 -6.54 2.25
N ARG A 12 0.13 -6.69 3.30
CA ARG A 12 -0.59 -7.92 3.59
C ARG A 12 -2.02 -7.80 3.08
N ARG A 13 -2.41 -6.54 2.86
CA ARG A 13 -3.73 -6.16 2.37
C ARG A 13 -3.86 -4.64 2.40
N ASP A 14 -4.87 -4.10 1.74
CA ASP A 14 -5.07 -2.65 1.71
C ASP A 14 -5.19 -2.08 3.11
N SER A 15 -5.89 -2.81 3.98
CA SER A 15 -6.08 -2.40 5.37
C SER A 15 -4.74 -2.35 6.10
N ASP A 16 -3.78 -3.13 5.60
CA ASP A 16 -2.44 -3.19 6.17
C ASP A 16 -1.60 -2.01 5.68
N CYS A 17 -2.08 -1.37 4.63
CA CYS A 17 -1.42 -0.21 4.05
C CYS A 17 -1.90 1.08 4.71
N PRO A 18 -0.99 2.04 4.93
CA PRO A 18 -1.33 3.32 5.57
C PRO A 18 -2.19 4.22 4.69
N GLY A 19 -3.09 4.96 5.33
CA GLY A 19 -3.97 5.86 4.62
C GLY A 19 -4.79 5.15 3.56
N GLU A 20 -4.80 5.69 2.36
CA GLU A 20 -5.55 5.09 1.27
C GLU A 20 -4.63 4.28 0.37
N CYS A 21 -3.49 3.87 0.90
CA CYS A 21 -2.56 3.06 0.13
C CYS A 21 -3.17 1.69 -0.13
N ILE A 22 -2.96 1.17 -1.32
CA ILE A 22 -3.50 -0.13 -1.69
C ILE A 22 -2.38 -1.15 -1.88
N CYS A 23 -2.72 -2.40 -1.67
CA CYS A 23 -1.76 -3.47 -1.83
C CYS A 23 -1.62 -3.79 -3.32
N LYS A 24 -0.63 -3.21 -3.96
CA LYS A 24 -0.46 -3.45 -5.39
C LYS A 24 0.25 -4.77 -5.66
N GLY A 25 0.05 -5.32 -6.86
CA GLY A 25 0.62 -6.61 -7.26
C GLY A 25 2.10 -6.75 -6.94
N ASN A 26 2.81 -5.64 -6.89
CA ASN A 26 4.23 -5.61 -6.58
C ASN A 26 4.50 -6.13 -5.16
N GLY A 27 3.44 -6.19 -4.35
CA GLY A 27 3.56 -6.68 -2.99
C GLY A 27 3.89 -5.56 -2.03
N TYR A 28 3.75 -4.33 -2.53
CA TYR A 28 4.01 -3.15 -1.73
C TYR A 28 2.82 -2.23 -1.70
N CYS A 29 2.81 -1.38 -0.72
CA CYS A 29 1.75 -0.41 -0.52
C CYS A 29 1.91 0.76 -1.49
N GLY A 30 0.90 1.00 -2.31
CA GLY A 30 0.96 2.09 -3.24
C GLY A 30 -0.40 2.39 -3.83
N ARG A 2 -7.37 7.15 -4.93
CA ARG A 2 -6.95 7.01 -3.54
C ARG A 2 -5.60 7.67 -3.30
N ALA A 3 -5.52 8.46 -2.25
CA ALA A 3 -4.29 9.15 -1.92
C ALA A 3 -3.32 8.22 -1.22
N CYS A 4 -2.08 8.23 -1.69
CA CYS A 4 -1.05 7.37 -1.11
C CYS A 4 0.34 7.88 -1.45
N PRO A 5 1.21 8.03 -0.44
CA PRO A 5 2.58 8.48 -0.63
C PRO A 5 3.44 7.38 -1.25
N ARG A 6 4.58 7.76 -1.82
CA ARG A 6 5.48 6.79 -2.45
C ARG A 6 6.32 6.07 -1.41
N ILE A 7 5.64 5.37 -0.51
CA ILE A 7 6.29 4.62 0.55
C ILE A 7 6.49 3.17 0.10
N LEU A 8 7.47 2.49 0.67
CA LEU A 8 7.73 1.11 0.32
C LEU A 8 7.53 0.21 1.54
N LYS A 9 6.43 -0.53 1.53
CA LYS A 9 6.11 -1.44 2.62
C LYS A 9 5.36 -2.63 2.05
N LYS A 10 5.83 -3.84 2.32
CA LYS A 10 5.18 -5.05 1.83
C LYS A 10 3.79 -5.16 2.42
N CYS A 11 2.81 -5.15 1.55
CA CYS A 11 1.42 -5.21 1.97
C CYS A 11 0.90 -6.62 2.11
N ARG A 12 0.19 -6.85 3.21
CA ARG A 12 -0.43 -8.12 3.49
C ARG A 12 -1.93 -7.99 3.27
N ARG A 13 -2.33 -6.76 2.92
CA ARG A 13 -3.71 -6.38 2.64
C ARG A 13 -3.78 -4.86 2.56
N ASP A 14 -4.84 -4.35 1.94
CA ASP A 14 -5.02 -2.90 1.79
C ASP A 14 -5.07 -2.22 3.14
N SER A 15 -5.75 -2.84 4.10
CA SER A 15 -5.88 -2.30 5.45
C SER A 15 -4.51 -2.26 6.16
N ASP A 16 -3.54 -2.98 5.61
CA ASP A 16 -2.19 -3.01 6.16
C ASP A 16 -1.41 -1.80 5.68
N CYS A 17 -1.93 -1.18 4.64
CA CYS A 17 -1.33 -0.01 4.05
C CYS A 17 -1.85 1.27 4.70
N PRO A 18 -0.97 2.26 4.92
CA PRO A 18 -1.33 3.54 5.56
C PRO A 18 -2.20 4.42 4.69
N GLY A 19 -3.10 5.17 5.32
CA GLY A 19 -3.98 6.06 4.61
C GLY A 19 -4.85 5.32 3.60
N GLU A 20 -4.85 5.80 2.37
CA GLU A 20 -5.64 5.17 1.33
C GLU A 20 -4.74 4.33 0.42
N CYS A 21 -3.59 3.92 0.93
CA CYS A 21 -2.67 3.10 0.16
C CYS A 21 -3.28 1.72 -0.07
N ILE A 22 -3.08 1.18 -1.26
CA ILE A 22 -3.61 -0.13 -1.61
C ILE A 22 -2.48 -1.10 -1.89
N CYS A 23 -2.76 -2.38 -1.73
CA CYS A 23 -1.77 -3.42 -1.97
C CYS A 23 -1.62 -3.65 -3.47
N LYS A 24 -0.55 -3.13 -4.06
CA LYS A 24 -0.34 -3.30 -5.49
C LYS A 24 0.32 -4.63 -5.83
N GLY A 25 0.35 -4.94 -7.13
CA GLY A 25 0.89 -6.21 -7.63
C GLY A 25 2.27 -6.59 -7.14
N ASN A 26 3.15 -5.62 -6.93
CA ASN A 26 4.52 -5.94 -6.48
C ASN A 26 4.57 -6.27 -4.99
N GLY A 27 3.40 -6.39 -4.36
CA GLY A 27 3.32 -6.71 -2.96
C GLY A 27 3.75 -5.56 -2.07
N TYR A 28 3.59 -4.34 -2.57
CA TYR A 28 3.94 -3.15 -1.80
C TYR A 28 2.76 -2.21 -1.73
N CYS A 29 2.77 -1.37 -0.72
CA CYS A 29 1.72 -0.40 -0.51
C CYS A 29 1.88 0.79 -1.45
N GLY A 30 0.87 1.03 -2.28
CA GLY A 30 0.93 2.14 -3.18
C GLY A 30 -0.41 2.41 -3.82
N ARG A 2 -7.55 7.28 -4.83
CA ARG A 2 -6.92 7.03 -3.54
C ARG A 2 -5.54 7.65 -3.48
N ALA A 3 -5.31 8.45 -2.46
CA ALA A 3 -4.02 9.11 -2.28
C ALA A 3 -3.07 8.21 -1.51
N CYS A 4 -1.83 8.13 -1.98
CA CYS A 4 -0.83 7.30 -1.33
C CYS A 4 0.57 7.78 -1.69
N PRO A 5 1.44 7.95 -0.67
CA PRO A 5 2.81 8.38 -0.87
C PRO A 5 3.68 7.24 -1.41
N ARG A 6 4.84 7.57 -1.95
CA ARG A 6 5.75 6.56 -2.49
C ARG A 6 6.43 5.80 -1.35
N ILE A 7 5.64 5.04 -0.61
CA ILE A 7 6.16 4.26 0.51
C ILE A 7 6.60 2.88 0.03
N LEU A 8 7.49 2.25 0.79
CA LEU A 8 7.99 0.93 0.44
C LEU A 8 7.71 -0.06 1.55
N LYS A 9 6.44 -0.30 1.80
CA LYS A 9 6.03 -1.24 2.83
C LYS A 9 5.34 -2.44 2.20
N LYS A 10 5.84 -3.64 2.48
CA LYS A 10 5.25 -4.86 1.94
C LYS A 10 3.85 -5.04 2.51
N CYS A 11 2.87 -5.12 1.62
CA CYS A 11 1.49 -5.24 2.05
C CYS A 11 0.98 -6.66 2.07
N ARG A 12 0.22 -6.97 3.11
CA ARG A 12 -0.39 -8.28 3.26
C ARG A 12 -1.90 -8.13 3.07
N ARG A 13 -2.29 -6.87 2.85
CA ARG A 13 -3.68 -6.47 2.63
C ARG A 13 -3.76 -4.95 2.59
N ASP A 14 -4.80 -4.44 1.97
CA ASP A 14 -5.00 -2.99 1.85
C ASP A 14 -5.06 -2.33 3.21
N SER A 15 -5.70 -3.00 4.15
CA SER A 15 -5.85 -2.49 5.52
C SER A 15 -4.48 -2.34 6.20
N ASP A 16 -3.48 -3.05 5.69
CA ASP A 16 -2.13 -3.01 6.24
C ASP A 16 -1.40 -1.77 5.72
N CYS A 17 -1.96 -1.18 4.68
CA CYS A 17 -1.41 0.01 4.06
C CYS A 17 -1.97 1.28 4.71
N PRO A 18 -1.10 2.29 4.92
CA PRO A 18 -1.49 3.55 5.55
C PRO A 18 -2.34 4.45 4.64
N GLY A 19 -3.26 5.18 5.25
CA GLY A 19 -4.11 6.08 4.49
C GLY A 19 -4.95 5.36 3.46
N GLU A 20 -4.92 5.86 2.23
CA GLU A 20 -5.67 5.24 1.15
C GLU A 20 -4.76 4.35 0.30
N CYS A 21 -3.62 3.97 0.86
CA CYS A 21 -2.70 3.11 0.14
C CYS A 21 -3.30 1.73 -0.05
N ILE A 22 -3.13 1.18 -1.25
CA ILE A 22 -3.66 -0.14 -1.57
C ILE A 22 -2.52 -1.10 -1.84
N CYS A 23 -2.79 -2.38 -1.67
CA CYS A 23 -1.78 -3.39 -1.91
C CYS A 23 -1.62 -3.61 -3.41
N LYS A 24 -0.58 -3.03 -3.99
CA LYS A 24 -0.36 -3.17 -5.42
C LYS A 24 0.30 -4.51 -5.72
N GLY A 25 0.08 -5.03 -6.94
CA GLY A 25 0.64 -6.32 -7.36
C GLY A 25 2.12 -6.49 -7.06
N ASN A 26 2.84 -5.38 -6.99
CA ASN A 26 4.27 -5.37 -6.67
C ASN A 26 4.53 -5.96 -5.28
N GLY A 27 3.50 -5.97 -4.44
CA GLY A 27 3.63 -6.51 -3.10
C GLY A 27 3.90 -5.42 -2.09
N TYR A 28 3.80 -4.17 -2.53
CA TYR A 28 4.02 -3.04 -1.66
C TYR A 28 2.81 -2.12 -1.66
N CYS A 29 2.77 -1.27 -0.67
CA CYS A 29 1.67 -0.32 -0.52
C CYS A 29 1.80 0.82 -1.51
N GLY A 30 0.73 1.06 -2.25
CA GLY A 30 0.72 2.13 -3.23
C GLY A 30 -0.64 2.26 -3.85
N ARG A 2 -7.97 5.69 -4.79
CA ARG A 2 -7.29 5.83 -3.52
C ARG A 2 -5.95 6.56 -3.71
N ALA A 3 -5.66 7.50 -2.84
CA ALA A 3 -4.41 8.26 -2.93
C ALA A 3 -3.33 7.66 -2.03
N CYS A 4 -2.11 7.62 -2.54
CA CYS A 4 -0.99 7.07 -1.78
C CYS A 4 0.31 7.74 -2.23
N PRO A 5 1.15 8.14 -1.26
CA PRO A 5 2.42 8.80 -1.55
C PRO A 5 3.53 7.80 -1.88
N ARG A 6 4.76 8.18 -1.59
CA ARG A 6 5.90 7.30 -1.83
C ARG A 6 6.24 6.52 -0.57
N ILE A 7 6.06 5.21 -0.64
CA ILE A 7 6.35 4.34 0.48
C ILE A 7 6.75 2.95 -0.03
N LEU A 8 7.49 2.21 0.77
CA LEU A 8 7.94 0.88 0.39
C LEU A 8 7.69 -0.11 1.51
N LYS A 9 6.42 -0.39 1.77
CA LYS A 9 6.03 -1.32 2.80
C LYS A 9 5.34 -2.51 2.16
N LYS A 10 5.83 -3.73 2.44
CA LYS A 10 5.23 -4.93 1.88
C LYS A 10 3.82 -5.08 2.41
N CYS A 11 2.86 -5.06 1.51
CA CYS A 11 1.46 -5.13 1.90
C CYS A 11 0.97 -6.55 2.08
N ARG A 12 0.22 -6.73 3.15
CA ARG A 12 -0.38 -8.01 3.47
C ARG A 12 -1.88 -7.92 3.19
N ARG A 13 -2.29 -6.70 2.84
CA ARG A 13 -3.69 -6.35 2.51
C ARG A 13 -3.81 -4.84 2.48
N ASP A 14 -4.83 -4.33 1.81
CA ASP A 14 -5.07 -2.89 1.71
C ASP A 14 -5.14 -2.24 3.09
N SER A 15 -5.84 -2.89 4.01
CA SER A 15 -6.01 -2.39 5.37
C SER A 15 -4.67 -2.32 6.12
N ASP A 16 -3.69 -3.07 5.63
CA ASP A 16 -2.37 -3.09 6.24
C ASP A 16 -1.52 -1.93 5.72
N CYS A 17 -2.04 -1.26 4.71
CA CYS A 17 -1.37 -0.12 4.10
C CYS A 17 -1.85 1.18 4.75
N PRO A 18 -0.95 2.15 4.92
CA PRO A 18 -1.28 3.44 5.54
C PRO A 18 -2.15 4.33 4.67
N GLY A 19 -3.06 5.05 5.31
CA GLY A 19 -3.94 5.95 4.59
C GLY A 19 -4.79 5.23 3.57
N GLU A 20 -4.77 5.74 2.35
CA GLU A 20 -5.55 5.15 1.26
C GLU A 20 -4.68 4.23 0.42
N CYS A 21 -3.46 3.94 0.90
CA CYS A 21 -2.56 3.06 0.16
C CYS A 21 -3.16 1.67 0.02
N ILE A 22 -3.02 1.10 -1.16
CA ILE A 22 -3.56 -0.22 -1.43
C ILE A 22 -2.45 -1.22 -1.69
N CYS A 23 -2.79 -2.50 -1.63
CA CYS A 23 -1.82 -3.55 -1.87
C CYS A 23 -1.65 -3.75 -3.38
N LYS A 24 -0.61 -3.15 -3.96
CA LYS A 24 -0.39 -3.27 -5.39
C LYS A 24 0.27 -4.62 -5.70
N GLY A 25 0.06 -5.12 -6.93
CA GLY A 25 0.61 -6.41 -7.37
C GLY A 25 2.08 -6.58 -7.05
N ASN A 26 2.81 -5.48 -6.99
CA ASN A 26 4.24 -5.48 -6.69
C ASN A 26 4.51 -6.06 -5.29
N GLY A 27 3.49 -6.08 -4.45
CA GLY A 27 3.61 -6.62 -3.11
C GLY A 27 3.90 -5.54 -2.10
N TYR A 28 3.79 -4.29 -2.54
CA TYR A 28 4.01 -3.16 -1.67
C TYR A 28 2.80 -2.26 -1.65
N CYS A 29 2.78 -1.38 -0.68
CA CYS A 29 1.68 -0.44 -0.51
C CYS A 29 1.79 0.71 -1.52
N GLY A 30 0.70 0.95 -2.23
CA GLY A 30 0.66 1.99 -3.21
C GLY A 30 -0.70 2.10 -3.84
N ARG A 2 -7.16 6.95 -5.00
CA ARG A 2 -6.81 7.01 -3.59
C ARG A 2 -5.44 7.64 -3.41
N ALA A 3 -5.31 8.48 -2.40
CA ALA A 3 -4.05 9.15 -2.11
C ALA A 3 -3.10 8.24 -1.36
N CYS A 4 -1.85 8.20 -1.80
CA CYS A 4 -0.85 7.37 -1.17
C CYS A 4 0.55 7.92 -1.43
N PRO A 5 1.37 8.06 -0.38
CA PRO A 5 2.74 8.56 -0.49
C PRO A 5 3.64 7.54 -1.17
N ARG A 6 4.69 8.02 -1.83
CA ARG A 6 5.63 7.14 -2.52
C ARG A 6 6.53 6.40 -1.51
N ILE A 7 5.91 5.56 -0.71
CA ILE A 7 6.62 4.78 0.29
C ILE A 7 6.74 3.33 -0.15
N LEU A 8 7.60 2.57 0.51
CA LEU A 8 7.79 1.18 0.16
C LEU A 8 7.66 0.30 1.41
N LYS A 9 6.53 -0.38 1.50
CA LYS A 9 6.26 -1.27 2.61
C LYS A 9 5.42 -2.44 2.12
N LYS A 10 5.84 -3.66 2.45
CA LYS A 10 5.12 -4.84 2.01
C LYS A 10 3.76 -4.94 2.69
N CYS A 11 2.74 -5.16 1.89
CA CYS A 11 1.38 -5.25 2.37
C CYS A 11 0.86 -6.67 2.26
N ARG A 12 -0.03 -7.03 3.19
CA ARG A 12 -0.65 -8.34 3.19
C ARG A 12 -2.14 -8.14 2.89
N ARG A 13 -2.48 -6.88 2.66
CA ARG A 13 -3.84 -6.43 2.35
C ARG A 13 -3.87 -4.91 2.38
N ASP A 14 -4.90 -4.32 1.78
CA ASP A 14 -5.04 -2.87 1.75
C ASP A 14 -5.08 -2.29 3.17
N SER A 15 -5.68 -3.04 4.08
CA SER A 15 -5.79 -2.63 5.48
C SER A 15 -4.39 -2.50 6.11
N ASP A 16 -3.44 -3.25 5.57
CA ASP A 16 -2.06 -3.23 6.05
C ASP A 16 -1.36 -1.96 5.57
N CYS A 17 -1.94 -1.34 4.55
CA CYS A 17 -1.40 -0.12 3.98
C CYS A 17 -1.94 1.12 4.67
N PRO A 18 -1.07 2.11 4.92
CA PRO A 18 -1.45 3.35 5.60
C PRO A 18 -2.28 4.29 4.71
N GLY A 19 -3.19 5.02 5.33
CA GLY A 19 -4.04 5.96 4.60
C GLY A 19 -4.87 5.26 3.55
N GLU A 20 -4.84 5.79 2.34
CA GLU A 20 -5.60 5.22 1.24
C GLU A 20 -4.69 4.36 0.36
N CYS A 21 -3.54 3.96 0.88
CA CYS A 21 -2.62 3.14 0.12
C CYS A 21 -3.23 1.77 -0.12
N ILE A 22 -3.05 1.25 -1.32
CA ILE A 22 -3.59 -0.05 -1.68
C ILE A 22 -2.46 -1.04 -1.91
N CYS A 23 -2.77 -2.31 -1.72
CA CYS A 23 -1.77 -3.36 -1.90
C CYS A 23 -1.60 -3.64 -3.39
N LYS A 24 -0.56 -3.07 -3.98
CA LYS A 24 -0.31 -3.27 -5.41
C LYS A 24 0.28 -4.66 -5.65
N GLY A 25 0.09 -5.18 -6.88
CA GLY A 25 0.59 -6.51 -7.25
C GLY A 25 2.03 -6.77 -6.84
N ASN A 26 2.83 -5.71 -6.82
CA ASN A 26 4.24 -5.80 -6.44
C ASN A 26 4.41 -6.28 -4.99
N GLY A 27 3.33 -6.20 -4.23
CA GLY A 27 3.35 -6.65 -2.85
C GLY A 27 3.71 -5.53 -1.90
N TYR A 28 3.68 -4.32 -2.42
CA TYR A 28 3.99 -3.12 -1.65
C TYR A 28 2.79 -2.19 -1.63
N CYS A 29 2.82 -1.28 -0.69
CA CYS A 29 1.76 -0.31 -0.54
C CYS A 29 1.91 0.83 -1.52
N GLY A 30 0.86 1.08 -2.29
CA GLY A 30 0.89 2.14 -3.26
C GLY A 30 -0.46 2.28 -3.95
N ARG A 2 -7.08 5.78 -5.37
CA ARG A 2 -6.80 6.27 -4.02
C ARG A 2 -5.46 7.00 -3.96
N ALA A 3 -5.39 7.99 -3.10
CA ALA A 3 -4.17 8.77 -2.94
C ALA A 3 -3.20 8.03 -2.02
N CYS A 4 -1.92 8.05 -2.37
CA CYS A 4 -0.93 7.37 -1.56
C CYS A 4 0.47 7.93 -1.80
N PRO A 5 1.20 8.23 -0.72
CA PRO A 5 2.56 8.76 -0.80
C PRO A 5 3.52 7.67 -1.25
N ARG A 6 4.63 8.06 -1.86
CA ARG A 6 5.61 7.09 -2.31
C ARG A 6 6.32 6.46 -1.12
N ILE A 7 6.10 5.17 -0.93
CA ILE A 7 6.69 4.44 0.17
C ILE A 7 6.90 2.98 -0.24
N LEU A 8 7.82 2.30 0.42
CA LEU A 8 8.11 0.91 0.09
C LEU A 8 7.91 0.01 1.30
N LYS A 9 6.68 -0.41 1.53
CA LYS A 9 6.34 -1.28 2.63
C LYS A 9 5.52 -2.44 2.09
N LYS A 10 5.95 -3.67 2.38
CA LYS A 10 5.23 -4.84 1.90
C LYS A 10 3.85 -4.91 2.52
N CYS A 11 2.85 -4.97 1.69
CA CYS A 11 1.48 -5.02 2.14
C CYS A 11 0.97 -6.45 2.27
N ARG A 12 0.16 -6.66 3.28
CA ARG A 12 -0.44 -7.96 3.55
C ARG A 12 -1.91 -7.90 3.16
N ARG A 13 -2.35 -6.67 2.86
CA ARG A 13 -3.72 -6.37 2.47
C ARG A 13 -3.85 -4.86 2.33
N ASP A 14 -4.92 -4.39 1.71
CA ASP A 14 -5.13 -2.96 1.52
C ASP A 14 -5.23 -2.27 2.88
N SER A 15 -5.94 -2.90 3.79
CA SER A 15 -6.12 -2.37 5.14
C SER A 15 -4.80 -2.42 5.94
N ASP A 16 -3.78 -3.03 5.34
CA ASP A 16 -2.47 -3.13 5.98
C ASP A 16 -1.61 -1.94 5.56
N CYS A 17 -2.09 -1.24 4.54
CA CYS A 17 -1.41 -0.07 4.01
C CYS A 17 -1.88 1.20 4.71
N PRO A 18 -0.96 2.15 4.94
CA PRO A 18 -1.28 3.42 5.61
C PRO A 18 -2.24 4.30 4.81
N GLY A 19 -3.10 5.02 5.53
CA GLY A 19 -4.06 5.89 4.87
C GLY A 19 -4.98 5.13 3.94
N GLU A 20 -5.06 5.57 2.70
CA GLU A 20 -5.88 4.91 1.71
C GLU A 20 -5.02 4.20 0.68
N CYS A 21 -3.78 3.88 1.05
CA CYS A 21 -2.87 3.18 0.16
C CYS A 21 -3.39 1.77 -0.13
N ILE A 22 -3.07 1.24 -1.30
CA ILE A 22 -3.54 -0.09 -1.68
C ILE A 22 -2.39 -1.06 -1.87
N CYS A 23 -2.69 -2.34 -1.76
CA CYS A 23 -1.70 -3.37 -1.93
C CYS A 23 -1.49 -3.65 -3.41
N LYS A 24 -0.46 -3.04 -3.99
CA LYS A 24 -0.18 -3.23 -5.40
C LYS A 24 0.35 -4.64 -5.66
N GLY A 25 0.13 -5.14 -6.88
CA GLY A 25 0.56 -6.49 -7.27
C GLY A 25 1.99 -6.83 -6.87
N ASN A 26 2.85 -5.82 -6.87
CA ASN A 26 4.26 -5.96 -6.50
C ASN A 26 4.40 -6.45 -5.05
N GLY A 27 3.34 -6.25 -4.27
CA GLY A 27 3.35 -6.68 -2.89
C GLY A 27 3.76 -5.57 -1.96
N TYR A 28 3.67 -4.34 -2.45
CA TYR A 28 4.01 -3.16 -1.67
C TYR A 28 2.84 -2.20 -1.63
N CYS A 29 2.87 -1.32 -0.67
CA CYS A 29 1.81 -0.33 -0.50
C CYS A 29 1.99 0.83 -1.46
N GLY A 30 0.96 1.10 -2.23
CA GLY A 30 1.00 2.19 -3.17
C GLY A 30 -0.30 2.28 -3.94
N ARG A 2 -8.06 5.08 -4.81
CA ARG A 2 -7.49 5.52 -3.54
C ARG A 2 -6.13 6.17 -3.77
N ALA A 3 -5.88 7.27 -3.07
CA ALA A 3 -4.62 7.99 -3.19
C ALA A 3 -3.54 7.41 -2.29
N CYS A 4 -2.30 7.44 -2.77
CA CYS A 4 -1.18 6.92 -2.01
C CYS A 4 0.13 7.51 -2.53
N PRO A 5 1.02 7.94 -1.62
CA PRO A 5 2.31 8.51 -2.00
C PRO A 5 3.33 7.42 -2.36
N ARG A 6 4.58 7.67 -2.03
CA ARG A 6 5.62 6.70 -2.32
C ARG A 6 6.15 6.11 -1.01
N ILE A 7 5.99 4.81 -0.86
CA ILE A 7 6.43 4.11 0.34
C ILE A 7 6.81 2.67 -0.01
N LEU A 8 7.69 2.08 0.79
CA LEU A 8 8.13 0.72 0.55
C LEU A 8 7.74 -0.20 1.70
N LYS A 9 6.44 -0.37 1.88
CA LYS A 9 5.95 -1.24 2.94
C LYS A 9 5.32 -2.47 2.30
N LYS A 10 5.82 -3.65 2.65
CA LYS A 10 5.29 -4.89 2.09
C LYS A 10 3.88 -5.10 2.62
N CYS A 11 2.90 -4.99 1.73
CA CYS A 11 1.51 -5.11 2.12
C CYS A 11 1.00 -6.54 2.11
N ARG A 12 0.03 -6.80 2.96
CA ARG A 12 -0.61 -8.10 3.06
C ARG A 12 -2.10 -7.91 2.83
N ARG A 13 -2.46 -6.66 2.57
CA ARG A 13 -3.82 -6.19 2.31
C ARG A 13 -3.86 -4.68 2.39
N ASP A 14 -4.85 -4.08 1.75
CA ASP A 14 -4.99 -2.61 1.74
C ASP A 14 -5.05 -2.05 3.17
N SER A 15 -5.75 -2.77 4.04
CA SER A 15 -5.88 -2.36 5.43
C SER A 15 -4.53 -2.29 6.14
N ASP A 16 -3.57 -3.03 5.60
CA ASP A 16 -2.21 -3.08 6.16
C ASP A 16 -1.40 -1.89 5.63
N CYS A 17 -1.97 -1.19 4.67
CA CYS A 17 -1.33 -0.04 4.08
C CYS A 17 -1.78 1.25 4.76
N PRO A 18 -0.86 2.21 4.92
CA PRO A 18 -1.15 3.49 5.58
C PRO A 18 -2.16 4.34 4.82
N GLY A 19 -3.00 5.04 5.55
CA GLY A 19 -4.02 5.88 4.92
C GLY A 19 -4.94 5.06 4.06
N GLU A 20 -5.07 5.43 2.80
CA GLU A 20 -5.90 4.69 1.88
C GLU A 20 -5.04 4.02 0.81
N CYS A 21 -3.79 3.74 1.16
CA CYS A 21 -2.86 3.08 0.24
C CYS A 21 -3.38 1.69 -0.08
N ILE A 22 -3.10 1.22 -1.29
CA ILE A 22 -3.57 -0.08 -1.70
C ILE A 22 -2.43 -1.07 -1.88
N CYS A 23 -2.74 -2.34 -1.76
CA CYS A 23 -1.75 -3.38 -1.93
C CYS A 23 -1.57 -3.63 -3.42
N LYS A 24 -0.55 -3.03 -4.01
CA LYS A 24 -0.32 -3.17 -5.44
C LYS A 24 0.37 -4.50 -5.74
N GLY A 25 0.23 -4.97 -6.98
CA GLY A 25 0.81 -6.25 -7.42
C GLY A 25 2.27 -6.43 -7.02
N ASN A 26 2.97 -5.32 -6.88
CA ASN A 26 4.39 -5.31 -6.47
C ASN A 26 4.56 -5.90 -5.06
N GLY A 27 3.44 -6.03 -4.34
CA GLY A 27 3.47 -6.58 -3.00
C GLY A 27 3.77 -5.52 -1.97
N TYR A 28 3.73 -4.27 -2.42
CA TYR A 28 3.99 -3.14 -1.55
C TYR A 28 2.81 -2.18 -1.58
N CYS A 29 2.81 -1.28 -0.64
CA CYS A 29 1.75 -0.28 -0.53
C CYS A 29 1.95 0.83 -1.54
N GLY A 30 0.90 1.09 -2.31
CA GLY A 30 0.94 2.12 -3.31
C GLY A 30 -0.37 2.21 -4.04
N ARG A 2 -6.88 6.95 -6.55
CA ARG A 2 -6.73 6.74 -5.13
C ARG A 2 -5.47 7.44 -4.61
N ALA A 3 -5.63 8.28 -3.59
CA ALA A 3 -4.52 9.00 -2.99
C ALA A 3 -3.70 8.05 -2.11
N CYS A 4 -2.38 8.16 -2.20
CA CYS A 4 -1.51 7.31 -1.42
C CYS A 4 -0.07 7.80 -1.45
N PRO A 5 0.54 8.01 -0.27
CA PRO A 5 1.94 8.43 -0.16
C PRO A 5 2.87 7.31 -0.62
N ARG A 6 3.90 7.65 -1.38
CA ARG A 6 4.80 6.65 -1.88
C ARG A 6 5.75 6.17 -0.80
N ILE A 7 5.68 4.87 -0.51
CA ILE A 7 6.51 4.24 0.50
C ILE A 7 6.75 2.79 0.10
N LEU A 8 7.87 2.24 0.51
CA LEU A 8 8.22 0.87 0.18
C LEU A 8 7.94 -0.07 1.35
N LYS A 9 6.66 -0.32 1.59
CA LYS A 9 6.27 -1.21 2.66
C LYS A 9 5.52 -2.40 2.09
N LYS A 10 5.96 -3.61 2.46
CA LYS A 10 5.33 -4.83 1.98
C LYS A 10 3.92 -4.91 2.55
N CYS A 11 2.95 -5.04 1.67
CA CYS A 11 1.56 -5.07 2.06
C CYS A 11 0.97 -6.47 2.04
N ARG A 12 0.06 -6.70 2.97
CA ARG A 12 -0.65 -7.97 3.09
C ARG A 12 -2.13 -7.73 2.79
N ARG A 13 -2.48 -6.45 2.71
CA ARG A 13 -3.85 -6.01 2.42
C ARG A 13 -3.89 -4.49 2.42
N ASP A 14 -4.91 -3.93 1.81
CA ASP A 14 -5.06 -2.46 1.75
C ASP A 14 -5.10 -1.86 3.15
N SER A 15 -5.80 -2.55 4.05
CA SER A 15 -5.93 -2.10 5.43
C SER A 15 -4.57 -2.12 6.14
N ASP A 16 -3.64 -2.87 5.58
CA ASP A 16 -2.29 -2.99 6.11
C ASP A 16 -1.44 -1.84 5.57
N CYS A 17 -1.94 -1.20 4.53
CA CYS A 17 -1.27 -0.06 3.93
C CYS A 17 -1.68 1.23 4.62
N PRO A 18 -0.74 2.19 4.74
CA PRO A 18 -1.00 3.46 5.40
C PRO A 18 -1.98 4.34 4.63
N GLY A 19 -2.81 5.05 5.37
CA GLY A 19 -3.80 5.93 4.76
C GLY A 19 -4.71 5.18 3.82
N GLU A 20 -4.82 5.65 2.59
CA GLU A 20 -5.65 5.01 1.60
C GLU A 20 -4.81 4.27 0.56
N CYS A 21 -3.62 3.84 0.95
CA CYS A 21 -2.75 3.11 0.04
C CYS A 21 -3.32 1.73 -0.24
N ILE A 22 -3.07 1.22 -1.44
CA ILE A 22 -3.59 -0.09 -1.81
C ILE A 22 -2.45 -1.09 -1.98
N CYS A 23 -2.76 -2.34 -1.75
CA CYS A 23 -1.77 -3.40 -1.90
C CYS A 23 -1.65 -3.77 -3.37
N LYS A 24 -0.60 -3.30 -4.02
CA LYS A 24 -0.44 -3.60 -5.44
C LYS A 24 0.32 -4.91 -5.65
N GLY A 25 0.14 -5.49 -6.85
CA GLY A 25 0.76 -6.76 -7.21
C GLY A 25 2.25 -6.85 -6.88
N ASN A 26 2.90 -5.69 -6.84
CA ASN A 26 4.32 -5.59 -6.51
C ASN A 26 4.59 -6.10 -5.09
N GLY A 27 3.53 -6.22 -4.29
CA GLY A 27 3.65 -6.70 -2.94
C GLY A 27 3.94 -5.57 -1.99
N TYR A 28 3.82 -4.36 -2.49
CA TYR A 28 4.05 -3.16 -1.70
C TYR A 28 2.85 -2.24 -1.77
N CYS A 29 2.86 -1.29 -0.86
CA CYS A 29 1.80 -0.30 -0.78
C CYS A 29 1.97 0.77 -1.83
N GLY A 30 0.96 0.95 -2.66
CA GLY A 30 1.02 1.94 -3.70
C GLY A 30 -0.32 2.18 -4.34
N ARG A 2 -7.08 6.58 -5.44
CA ARG A 2 -6.73 6.59 -4.03
C ARG A 2 -5.38 7.27 -3.82
N ALA A 3 -5.27 8.07 -2.78
CA ALA A 3 -4.03 8.77 -2.50
C ALA A 3 -3.08 7.89 -1.70
N CYS A 4 -1.83 7.87 -2.11
CA CYS A 4 -0.83 7.08 -1.42
C CYS A 4 0.52 7.79 -1.47
N PRO A 5 1.12 8.03 -0.28
CA PRO A 5 2.40 8.71 -0.16
C PRO A 5 3.57 7.86 -0.67
N ARG A 6 4.63 8.52 -1.07
CA ARG A 6 5.82 7.83 -1.58
C ARG A 6 6.48 7.03 -0.46
N ILE A 7 6.16 5.75 -0.41
CA ILE A 7 6.71 4.86 0.59
C ILE A 7 6.78 3.44 0.03
N LEU A 8 7.69 2.64 0.55
CA LEU A 8 7.84 1.27 0.10
C LEU A 8 7.76 0.32 1.27
N LYS A 9 6.65 -0.37 1.37
CA LYS A 9 6.43 -1.33 2.44
C LYS A 9 5.59 -2.48 1.92
N LYS A 10 6.02 -3.71 2.17
CA LYS A 10 5.29 -4.88 1.71
C LYS A 10 3.91 -4.91 2.32
N CYS A 11 2.91 -5.05 1.47
CA CYS A 11 1.53 -5.06 1.93
C CYS A 11 1.03 -6.46 2.20
N ARG A 12 0.21 -6.57 3.24
CA ARG A 12 -0.39 -7.82 3.63
C ARG A 12 -1.87 -7.78 3.26
N ARG A 13 -2.33 -6.56 3.00
CA ARG A 13 -3.70 -6.26 2.60
C ARG A 13 -3.86 -4.76 2.51
N ASP A 14 -4.90 -4.32 1.81
CA ASP A 14 -5.15 -2.89 1.63
C ASP A 14 -5.25 -2.18 2.98
N SER A 15 -5.99 -2.78 3.90
CA SER A 15 -6.18 -2.22 5.23
C SER A 15 -4.87 -2.20 6.02
N ASP A 16 -3.90 -2.98 5.56
CA ASP A 16 -2.58 -3.06 6.20
C ASP A 16 -1.68 -1.93 5.68
N CYS A 17 -2.11 -1.31 4.60
CA CYS A 17 -1.39 -0.20 4.00
C CYS A 17 -1.82 1.13 4.63
N PRO A 18 -0.87 2.07 4.80
CA PRO A 18 -1.13 3.38 5.40
C PRO A 18 -2.00 4.27 4.52
N GLY A 19 -2.87 5.05 5.17
CA GLY A 19 -3.74 5.96 4.45
C GLY A 19 -4.65 5.24 3.48
N GLU A 20 -4.67 5.70 2.24
CA GLU A 20 -5.49 5.09 1.21
C GLU A 20 -4.65 4.19 0.31
N CYS A 21 -3.46 3.82 0.78
CA CYS A 21 -2.59 2.96 -0.01
C CYS A 21 -3.21 1.57 -0.13
N ILE A 22 -3.06 0.98 -1.30
CA ILE A 22 -3.61 -0.34 -1.54
C ILE A 22 -2.49 -1.34 -1.81
N CYS A 23 -2.80 -2.61 -1.62
CA CYS A 23 -1.82 -3.65 -1.84
C CYS A 23 -1.69 -3.94 -3.33
N LYS A 24 -0.68 -3.34 -3.96
CA LYS A 24 -0.48 -3.53 -5.39
C LYS A 24 0.17 -4.89 -5.67
N GLY A 25 -0.03 -5.39 -6.90
CA GLY A 25 0.49 -6.69 -7.31
C GLY A 25 1.95 -6.91 -6.96
N ASN A 26 2.72 -5.82 -6.94
CA ASN A 26 4.15 -5.87 -6.60
C ASN A 26 4.37 -6.37 -5.16
N GLY A 27 3.30 -6.35 -4.39
CA GLY A 27 3.38 -6.82 -3.02
C GLY A 27 3.80 -5.71 -2.08
N TYR A 28 3.60 -4.48 -2.52
CA TYR A 28 3.93 -3.30 -1.76
C TYR A 28 2.71 -2.38 -1.70
N CYS A 29 2.77 -1.45 -0.78
CA CYS A 29 1.70 -0.49 -0.60
C CYS A 29 1.81 0.63 -1.63
N GLY A 30 0.73 0.86 -2.37
CA GLY A 30 0.74 1.90 -3.37
C GLY A 30 -0.51 1.91 -4.23
N ARG A 2 -6.35 5.75 -5.30
CA ARG A 2 -6.52 6.66 -4.17
C ARG A 2 -5.21 7.37 -3.86
N ALA A 3 -5.23 8.24 -2.87
CA ALA A 3 -4.05 8.98 -2.47
C ALA A 3 -3.10 8.11 -1.66
N CYS A 4 -1.83 8.15 -1.99
CA CYS A 4 -0.83 7.37 -1.29
C CYS A 4 0.55 8.00 -1.40
N PRO A 5 1.21 8.20 -0.26
CA PRO A 5 2.55 8.79 -0.22
C PRO A 5 3.59 7.81 -0.76
N ARG A 6 4.61 8.33 -1.42
CA ARG A 6 5.67 7.49 -1.98
C ARG A 6 6.46 6.80 -0.87
N ILE A 7 6.15 5.54 -0.64
CA ILE A 7 6.81 4.75 0.38
C ILE A 7 6.82 3.29 -0.02
N LEU A 8 7.81 2.55 0.46
CA LEU A 8 7.92 1.14 0.13
C LEU A 8 7.70 0.30 1.37
N LYS A 9 6.56 -0.37 1.43
CA LYS A 9 6.23 -1.22 2.55
C LYS A 9 5.41 -2.41 2.06
N LYS A 10 5.84 -3.61 2.46
CA LYS A 10 5.15 -4.84 2.06
C LYS A 10 3.78 -4.92 2.73
N CYS A 11 2.77 -5.21 1.94
CA CYS A 11 1.41 -5.31 2.45
C CYS A 11 0.84 -6.71 2.30
N ARG A 12 0.13 -7.14 3.32
CA ARG A 12 -0.51 -8.44 3.30
C ARG A 12 -2.00 -8.26 3.00
N ARG A 13 -2.37 -6.99 2.81
CA ARG A 13 -3.73 -6.57 2.51
C ARG A 13 -3.78 -5.06 2.43
N ASP A 14 -4.84 -4.52 1.83
CA ASP A 14 -4.99 -3.08 1.69
C ASP A 14 -5.02 -2.41 3.06
N SER A 15 -5.68 -3.06 4.00
CA SER A 15 -5.79 -2.56 5.38
C SER A 15 -4.40 -2.46 6.03
N ASP A 16 -3.44 -3.19 5.47
CA ASP A 16 -2.06 -3.20 5.97
C ASP A 16 -1.35 -1.92 5.50
N CYS A 17 -1.91 -1.31 4.47
CA CYS A 17 -1.35 -0.10 3.90
C CYS A 17 -1.90 1.15 4.60
N PRO A 18 -1.04 2.15 4.81
CA PRO A 18 -1.42 3.40 5.49
C PRO A 18 -2.25 4.33 4.61
N GLY A 19 -3.18 5.05 5.25
CA GLY A 19 -4.02 5.98 4.54
C GLY A 19 -4.85 5.32 3.46
N GLU A 20 -4.83 5.87 2.27
CA GLU A 20 -5.58 5.32 1.15
C GLU A 20 -4.69 4.45 0.27
N CYS A 21 -3.53 4.05 0.79
CA CYS A 21 -2.62 3.22 0.02
C CYS A 21 -3.24 1.85 -0.20
N ILE A 22 -3.06 1.31 -1.40
CA ILE A 22 -3.60 0.01 -1.73
C ILE A 22 -2.48 -1.00 -1.94
N CYS A 23 -2.79 -2.26 -1.72
CA CYS A 23 -1.80 -3.30 -1.89
C CYS A 23 -1.67 -3.65 -3.36
N LYS A 24 -0.63 -3.12 -4.00
CA LYS A 24 -0.43 -3.37 -5.42
C LYS A 24 0.15 -4.77 -5.63
N GLY A 25 -0.09 -5.35 -6.81
CA GLY A 25 0.39 -6.69 -7.14
C GLY A 25 1.85 -6.94 -6.80
N ASN A 26 2.63 -5.86 -6.81
CA ASN A 26 4.07 -5.92 -6.49
C ASN A 26 4.29 -6.39 -5.04
N GLY A 27 3.24 -6.30 -4.22
CA GLY A 27 3.34 -6.73 -2.83
C GLY A 27 3.69 -5.57 -1.92
N TYR A 28 3.66 -4.38 -2.47
CA TYR A 28 3.96 -3.18 -1.72
C TYR A 28 2.78 -2.21 -1.75
N CYS A 29 2.82 -1.28 -0.83
CA CYS A 29 1.79 -0.28 -0.70
C CYS A 29 1.94 0.81 -1.75
N GLY A 30 0.88 1.06 -2.50
CA GLY A 30 0.89 2.07 -3.52
C GLY A 30 -0.46 2.22 -4.17
N ARG A 2 -7.92 7.22 -4.91
CA ARG A 2 -6.94 6.75 -3.96
C ARG A 2 -5.61 7.49 -4.10
N ALA A 3 -5.08 7.93 -2.97
CA ALA A 3 -3.82 8.65 -2.94
C ALA A 3 -2.87 7.98 -1.96
N CYS A 4 -1.62 7.86 -2.35
CA CYS A 4 -0.63 7.21 -1.50
C CYS A 4 0.77 7.72 -1.83
N PRO A 5 1.59 7.98 -0.79
CA PRO A 5 2.96 8.45 -0.97
C PRO A 5 3.85 7.36 -1.57
N ARG A 6 5.00 7.75 -2.09
CA ARG A 6 5.92 6.79 -2.69
C ARG A 6 6.66 5.99 -1.62
N ILE A 7 5.90 5.22 -0.86
CA ILE A 7 6.44 4.40 0.20
C ILE A 7 6.72 3.00 -0.32
N LEU A 8 7.64 2.31 0.33
CA LEU A 8 8.00 0.96 -0.08
C LEU A 8 7.87 -0.01 1.09
N LYS A 9 6.64 -0.31 1.44
CA LYS A 9 6.36 -1.22 2.54
C LYS A 9 5.53 -2.38 2.02
N LYS A 10 5.99 -3.62 2.26
CA LYS A 10 5.26 -4.78 1.81
C LYS A 10 3.90 -4.85 2.48
N CYS A 11 2.87 -4.96 1.67
CA CYS A 11 1.52 -5.01 2.17
C CYS A 11 1.02 -6.44 2.33
N ARG A 12 0.27 -6.65 3.40
CA ARG A 12 -0.33 -7.93 3.69
C ARG A 12 -1.77 -7.91 3.16
N ARG A 13 -2.22 -6.69 2.87
CA ARG A 13 -3.55 -6.39 2.37
C ARG A 13 -3.75 -4.88 2.37
N ASP A 14 -4.77 -4.40 1.67
CA ASP A 14 -5.05 -2.97 1.60
C ASP A 14 -5.23 -2.37 2.98
N SER A 15 -5.93 -3.10 3.85
CA SER A 15 -6.18 -2.64 5.22
C SER A 15 -4.86 -2.53 6.01
N ASP A 16 -3.85 -3.25 5.54
CA ASP A 16 -2.54 -3.27 6.16
C ASP A 16 -1.73 -2.05 5.70
N CYS A 17 -2.22 -1.40 4.66
CA CYS A 17 -1.58 -0.21 4.11
C CYS A 17 -2.08 1.06 4.78
N PRO A 18 -1.17 2.02 5.02
CA PRO A 18 -1.51 3.28 5.67
C PRO A 18 -2.41 4.17 4.83
N GLY A 19 -3.32 4.87 5.50
CA GLY A 19 -4.23 5.77 4.83
C GLY A 19 -5.00 5.13 3.68
N GLU A 20 -5.00 5.81 2.54
CA GLU A 20 -5.70 5.33 1.35
C GLU A 20 -4.77 4.52 0.44
N CYS A 21 -3.71 3.96 1.01
CA CYS A 21 -2.78 3.16 0.22
C CYS A 21 -3.37 1.78 -0.03
N ILE A 22 -3.12 1.24 -1.22
CA ILE A 22 -3.62 -0.09 -1.57
C ILE A 22 -2.48 -1.07 -1.75
N CYS A 23 -2.80 -2.35 -1.66
CA CYS A 23 -1.79 -3.39 -1.83
C CYS A 23 -1.58 -3.63 -3.32
N LYS A 24 -0.55 -3.01 -3.88
CA LYS A 24 -0.28 -3.12 -5.31
C LYS A 24 0.31 -4.47 -5.68
N GLY A 25 0.33 -4.75 -6.99
CA GLY A 25 0.81 -6.01 -7.53
C GLY A 25 2.17 -6.45 -7.01
N ASN A 26 3.09 -5.51 -6.81
CA ASN A 26 4.43 -5.87 -6.33
C ASN A 26 4.44 -6.13 -4.82
N GLY A 27 3.27 -6.32 -4.24
CA GLY A 27 3.16 -6.60 -2.82
C GLY A 27 3.64 -5.48 -1.93
N TYR A 28 3.47 -4.25 -2.38
CA TYR A 28 3.86 -3.08 -1.60
C TYR A 28 2.68 -2.14 -1.47
N CYS A 29 2.77 -1.24 -0.52
CA CYS A 29 1.71 -0.27 -0.30
C CYS A 29 1.86 0.89 -1.27
N GLY A 30 0.83 1.11 -2.07
CA GLY A 30 0.86 2.18 -3.04
C GLY A 30 -0.39 2.20 -3.88
N ARG A 2 -8.75 6.28 -3.65
CA ARG A 2 -7.49 5.83 -3.07
C ARG A 2 -6.32 6.65 -3.63
N ALA A 3 -5.32 6.86 -2.80
CA ALA A 3 -4.14 7.63 -3.18
C ALA A 3 -3.01 7.34 -2.22
N CYS A 4 -1.80 7.19 -2.76
CA CYS A 4 -0.64 6.90 -1.93
C CYS A 4 0.61 7.59 -2.47
N PRO A 5 1.40 8.20 -1.58
CA PRO A 5 2.63 8.89 -1.96
C PRO A 5 3.79 7.92 -2.20
N ARG A 6 4.99 8.38 -1.92
CA ARG A 6 6.17 7.55 -2.09
C ARG A 6 6.47 6.80 -0.80
N ILE A 7 6.13 5.52 -0.77
CA ILE A 7 6.37 4.69 0.40
C ILE A 7 6.58 3.24 -0.04
N LEU A 8 7.29 2.48 0.77
CA LEU A 8 7.56 1.09 0.45
C LEU A 8 7.36 0.21 1.68
N LYS A 9 6.25 -0.51 1.68
CA LYS A 9 5.91 -1.40 2.76
C LYS A 9 5.21 -2.63 2.20
N LYS A 10 5.73 -3.82 2.51
CA LYS A 10 5.13 -5.06 2.01
C LYS A 10 3.76 -5.24 2.63
N CYS A 11 2.75 -5.28 1.80
CA CYS A 11 1.39 -5.41 2.27
C CYS A 11 0.88 -6.84 2.25
N ARG A 12 0.21 -7.22 3.33
CA ARG A 12 -0.38 -8.54 3.44
C ARG A 12 -1.89 -8.39 3.20
N ARG A 13 -2.26 -7.17 2.82
CA ARG A 13 -3.63 -6.76 2.52
C ARG A 13 -3.67 -5.24 2.47
N ASP A 14 -4.67 -4.70 1.79
CA ASP A 14 -4.82 -3.26 1.66
C ASP A 14 -5.00 -2.60 3.03
N SER A 15 -5.64 -3.31 3.95
CA SER A 15 -5.86 -2.83 5.30
C SER A 15 -4.53 -2.61 6.03
N ASP A 16 -3.50 -3.29 5.55
CA ASP A 16 -2.16 -3.20 6.13
C ASP A 16 -1.44 -1.96 5.60
N CYS A 17 -2.04 -1.33 4.60
CA CYS A 17 -1.47 -0.14 3.99
C CYS A 17 -1.96 1.12 4.70
N PRO A 18 -1.05 2.09 4.92
CA PRO A 18 -1.37 3.34 5.60
C PRO A 18 -2.23 4.29 4.75
N GLY A 19 -3.12 5.01 5.41
CA GLY A 19 -3.97 5.97 4.75
C GLY A 19 -4.77 5.35 3.61
N GLU A 20 -4.76 6.02 2.46
CA GLU A 20 -5.48 5.55 1.29
C GLU A 20 -4.60 4.71 0.37
N CYS A 21 -3.53 4.14 0.92
CA CYS A 21 -2.64 3.30 0.12
C CYS A 21 -3.27 1.93 -0.12
N ILE A 22 -3.05 1.37 -1.31
CA ILE A 22 -3.59 0.06 -1.64
C ILE A 22 -2.47 -0.94 -1.82
N CYS A 23 -2.81 -2.22 -1.70
CA CYS A 23 -1.83 -3.28 -1.87
C CYS A 23 -1.64 -3.57 -3.35
N LYS A 24 -0.61 -2.98 -3.96
CA LYS A 24 -0.37 -3.19 -5.38
C LYS A 24 0.22 -4.57 -5.64
N GLY A 25 -0.02 -5.10 -6.84
CA GLY A 25 0.46 -6.44 -7.23
C GLY A 25 1.91 -6.68 -6.90
N ASN A 26 2.71 -5.62 -6.89
CA ASN A 26 4.14 -5.71 -6.58
C ASN A 26 4.36 -6.24 -5.15
N GLY A 27 3.34 -6.13 -4.31
CA GLY A 27 3.44 -6.61 -2.94
C GLY A 27 3.76 -5.48 -1.98
N TYR A 28 3.69 -4.26 -2.49
CA TYR A 28 3.95 -3.09 -1.67
C TYR A 28 2.76 -2.16 -1.67
N CYS A 29 2.71 -1.34 -0.64
CA CYS A 29 1.66 -0.37 -0.47
C CYS A 29 1.86 0.83 -1.37
N GLY A 30 0.85 1.16 -2.14
CA GLY A 30 0.93 2.28 -3.04
C GLY A 30 -0.28 2.38 -3.93
#